data_7G9E
#
_entry.id   7G9E
#
_cell.length_a   70.965
_cell.length_b   70.965
_cell.length_c   195.722
_cell.angle_alpha   90.000
_cell.angle_beta   90.000
_cell.angle_gamma   90.000
#
_symmetry.space_group_name_H-M   'P 43 21 2'
#
loop_
_entity.id
_entity.type
_entity.pdbx_description
1 polymer 'Transforming protein RhoA'
2 polymer 'Rho guanine nucleotide exchange factor 2'
3 non-polymer 'DIMETHYL SULFOXIDE'
4 non-polymer 'FORMIC ACID'
5 non-polymer N-(3-methyl-1,2-oxazol-5-yl)acetamide
6 water water
#
loop_
_entity_poly.entity_id
_entity_poly.type
_entity_poly.pdbx_seq_one_letter_code
_entity_poly.pdbx_strand_id
1 'polypeptide(L)'
;SMAAIRKKLVIVGDGACGKTCLLIVFSKDQFPEVYVPTVFENYVADIEVDGKQVELALWDTAGQEDYDRLRPLSYPDTDV
ILMCFSIDSPDSLENIPEKWTPEVKHFCPNVPIILVGNKKDLRNDEHTRRELAKMKQEPVKPEEGRDMANRIGAFGYMEC
SAKTKDGVREVFEMATRAALQARRG
;
A
2 'polypeptide(L)'
;SMEMDEKDFAADSWSLAVDSSFLQQHKKEVMKQQDVIYELIQTELHHVRTLKIMTRLFRTGMLEELHLEPGVVQGLFPCV
DELSDIHTRFLSQLLERRRQALCPGSTRNFVIHRLGDLLISQFSGPSAEQMCKTYSEFCSRHSKALKLYKELYARDKRFQ
QFIRKVTRPAVLKRHGVQECILLVTQRITKYPLLISRILQHSHGIEEERQDLTTALGLVKELLSNVDEGIYQLEKGARLQ
EIYNR
;
B
#
loop_
_chem_comp.id
_chem_comp.type
_chem_comp.name
_chem_comp.formula
DMS non-polymer 'DIMETHYL SULFOXIDE' 'C2 H6 O S'
FMT non-polymer 'FORMIC ACID' 'C H2 O2'
ZG6 non-polymer N-(3-methyl-1,2-oxazol-5-yl)acetamide 'C6 H8 N2 O2'
#
# COMPACT_ATOMS: atom_id res chain seq x y z
N ALA A 4 0.33 17.89 18.69
CA ALA A 4 0.87 16.69 18.03
C ALA A 4 -0.17 15.58 17.86
N ILE A 5 -1.45 15.95 17.76
CA ILE A 5 -2.54 14.99 17.63
C ILE A 5 -2.38 14.09 16.39
N ARG A 6 -2.75 12.80 16.50
CA ARG A 6 -2.61 11.86 15.39
C ARG A 6 -3.97 11.58 14.74
N LYS A 7 -4.03 11.69 13.39
CA LYS A 7 -5.25 11.49 12.59
C LYS A 7 -4.97 10.54 11.42
N LYS A 8 -5.95 9.75 10.99
CA LYS A 8 -5.74 8.80 9.88
C LYS A 8 -6.57 9.17 8.67
N LEU A 9 -5.97 9.14 7.49
CA LEU A 9 -6.67 9.47 6.25
C LEU A 9 -6.59 8.26 5.34
N VAL A 10 -7.67 7.86 4.70
CA VAL A 10 -7.66 6.75 3.75
C VAL A 10 -8.25 7.22 2.42
N ILE A 11 -7.56 6.99 1.28
CA ILE A 11 -8.12 7.40 -0.01
CA ILE A 11 -8.10 7.39 -0.02
C ILE A 11 -8.76 6.18 -0.70
N VAL A 12 -9.98 6.35 -1.18
CA VAL A 12 -10.70 5.27 -1.87
CA VAL A 12 -10.75 5.30 -1.84
C VAL A 12 -11.07 5.74 -3.29
N GLY A 13 -11.46 4.83 -4.15
CA GLY A 13 -11.81 5.15 -5.52
C GLY A 13 -11.42 4.04 -6.49
N ASP A 14 -11.95 4.06 -7.71
CA ASP A 14 -11.67 3.05 -8.73
C ASP A 14 -10.19 2.96 -9.09
N GLY A 15 -9.82 1.88 -9.81
CA GLY A 15 -8.47 1.63 -10.26
C GLY A 15 -7.69 2.80 -10.82
N ALA A 16 -8.17 3.42 -11.92
CA ALA A 16 -7.42 4.53 -12.53
C ALA A 16 -8.02 5.89 -12.22
N CYS A 17 -8.15 6.16 -10.93
CA CYS A 17 -8.65 7.45 -10.47
C CYS A 17 -7.51 8.37 -9.98
N GLY A 18 -6.25 7.88 -10.02
CA GLY A 18 -5.05 8.59 -9.66
C GLY A 18 -4.80 8.77 -8.18
N LYS A 19 -5.40 7.89 -7.34
CA LYS A 19 -5.22 8.00 -5.89
CA LYS A 19 -5.22 7.99 -5.90
C LYS A 19 -3.78 7.76 -5.46
N THR A 20 -3.09 6.79 -6.09
CA THR A 20 -1.71 6.46 -5.78
C THR A 20 -0.79 7.63 -6.15
N CYS A 21 -0.93 8.19 -7.38
CA CYS A 21 -0.13 9.35 -7.80
CA CYS A 21 -0.09 9.33 -7.76
C CYS A 21 -0.28 10.51 -6.81
N LEU A 22 -1.55 10.79 -6.39
CA LEU A 22 -1.88 11.86 -5.47
C LEU A 22 -1.18 11.75 -4.11
N LEU A 23 -1.20 10.58 -3.47
CA LEU A 23 -0.49 10.36 -2.20
C LEU A 23 1.05 10.47 -2.34
N ILE A 24 1.60 10.03 -3.48
CA ILE A 24 3.05 10.04 -3.76
C ILE A 24 3.53 11.49 -3.91
N VAL A 25 2.79 12.27 -4.70
CA VAL A 25 3.06 13.66 -5.01
C VAL A 25 2.94 14.55 -3.77
N PHE A 26 2.01 14.26 -2.88
CA PHE A 26 1.91 15.01 -1.63
C PHE A 26 3.06 14.65 -0.66
N SER A 27 3.30 13.35 -0.43
CA SER A 27 4.35 12.89 0.50
C SER A 27 5.78 13.23 0.04
N LYS A 28 6.04 13.24 -1.27
CA LYS A 28 7.36 13.65 -1.78
C LYS A 28 7.46 15.19 -1.91
N ASP A 29 6.29 15.84 -2.17
CA ASP A 29 6.02 17.28 -2.34
C ASP A 29 6.54 17.82 -3.68
N GLN A 30 6.42 17.00 -4.74
CA GLN A 30 6.80 17.28 -6.12
C GLN A 30 6.37 16.12 -7.04
N PHE A 31 6.25 16.36 -8.36
CA PHE A 31 5.93 15.26 -9.28
C PHE A 31 7.27 14.54 -9.53
N PRO A 32 7.36 13.23 -9.22
CA PRO A 32 8.62 12.50 -9.41
C PRO A 32 9.16 12.61 -10.82
N GLU A 33 10.32 13.27 -10.96
CA GLU A 33 10.90 13.56 -12.25
C GLU A 33 11.44 12.35 -13.03
N VAL A 34 12.16 11.46 -12.37
CA VAL A 34 12.75 10.32 -13.03
C VAL A 34 11.84 9.07 -13.08
N TYR A 35 11.23 8.69 -11.95
CA TYR A 35 10.40 7.50 -11.92
C TYR A 35 9.22 7.68 -10.98
N VAL A 36 7.99 7.34 -11.45
CA VAL A 36 6.84 7.41 -10.57
C VAL A 36 6.62 6.00 -10.03
N PRO A 37 6.63 5.84 -8.71
CA PRO A 37 6.45 4.50 -8.13
C PRO A 37 5.09 3.91 -8.45
N THR A 38 5.03 2.60 -8.63
CA THR A 38 3.78 1.88 -8.90
C THR A 38 2.91 1.86 -7.63
N VAL A 39 3.54 1.76 -6.46
CA VAL A 39 2.80 1.60 -5.22
C VAL A 39 3.20 2.62 -4.16
N PHE A 40 2.30 2.82 -3.20
CA PHE A 40 2.44 3.65 -2.02
C PHE A 40 2.40 2.70 -0.79
N GLU A 41 3.36 2.82 0.11
CA GLU A 41 3.42 1.99 1.32
C GLU A 41 2.53 2.64 2.37
N ASN A 42 3.02 3.68 3.02
CA ASN A 42 2.32 4.54 3.95
C ASN A 42 3.19 5.78 4.18
N TYR A 43 2.63 6.77 4.85
CA TYR A 43 3.33 7.98 5.17
C TYR A 43 2.66 8.64 6.38
N VAL A 44 3.40 9.47 7.12
CA VAL A 44 2.93 10.25 8.26
C VAL A 44 3.35 11.68 7.96
N ALA A 45 2.38 12.52 7.59
CA ALA A 45 2.66 13.90 7.22
C ALA A 45 2.57 14.84 8.40
N ASP A 46 3.44 15.83 8.46
CA ASP A 46 3.42 16.82 9.54
C ASP A 46 2.79 18.03 8.91
N ILE A 47 1.56 18.27 9.30
CA ILE A 47 0.75 19.35 8.76
CA ILE A 47 0.80 19.36 8.75
C ILE A 47 0.38 20.34 9.84
N GLU A 48 0.42 21.63 9.51
CA GLU A 48 -0.01 22.66 10.44
CA GLU A 48 -0.02 22.66 10.44
C GLU A 48 -1.11 23.43 9.75
N VAL A 49 -2.37 23.13 10.06
CA VAL A 49 -3.49 23.82 9.46
C VAL A 49 -4.20 24.72 10.48
N ASP A 50 -4.44 25.97 10.10
CA ASP A 50 -5.12 26.97 10.91
C ASP A 50 -4.56 27.08 12.35
N GLY A 51 -3.27 26.80 12.52
CA GLY A 51 -2.62 26.91 13.82
C GLY A 51 -2.49 25.62 14.61
N LYS A 52 -3.01 24.49 14.09
CA LYS A 52 -2.93 23.23 14.82
C LYS A 52 -1.97 22.27 14.17
N GLN A 53 -1.09 21.62 14.96
CA GLN A 53 -0.14 20.65 14.42
CA GLN A 53 -0.10 20.65 14.48
C GLN A 53 -0.74 19.26 14.49
N VAL A 54 -0.75 18.55 13.34
CA VAL A 54 -1.33 17.21 13.22
C VAL A 54 -0.38 16.22 12.51
N GLU A 55 -0.29 15.00 13.02
CA GLU A 55 0.45 13.94 12.39
C GLU A 55 -0.59 13.21 11.56
N LEU A 56 -0.62 13.42 10.25
CA LEU A 56 -1.63 12.79 9.39
C LEU A 56 -1.12 11.51 8.70
N ALA A 57 -1.61 10.33 9.13
CA ALA A 57 -1.18 9.06 8.53
C ALA A 57 -1.97 8.86 7.24
N LEU A 58 -1.29 8.62 6.12
CA LEU A 58 -1.91 8.45 4.79
C LEU A 58 -1.90 6.98 4.37
N TRP A 59 -3.02 6.50 3.84
CA TRP A 59 -3.12 5.13 3.36
C TRP A 59 -3.80 5.09 1.98
N ASP A 60 -3.51 4.05 1.23
CA ASP A 60 -4.06 3.82 -0.10
C ASP A 60 -4.84 2.48 -0.06
N THR A 61 -5.82 2.35 -0.95
CA THR A 61 -6.59 1.12 -1.12
C THR A 61 -6.32 0.48 -2.50
N ALA A 62 -5.36 1.01 -3.29
CA ALA A 62 -5.03 0.47 -4.61
C ALA A 62 -4.53 -0.95 -4.47
N GLY A 63 -5.12 -1.83 -5.25
CA GLY A 63 -4.84 -3.27 -5.19
C GLY A 63 -5.92 -4.07 -4.47
N GLN A 64 -6.72 -3.39 -3.64
CA GLN A 64 -7.78 -4.02 -2.86
C GLN A 64 -9.17 -3.93 -3.50
N GLU A 65 -9.33 -3.21 -4.64
CA GLU A 65 -10.63 -2.96 -5.28
C GLU A 65 -11.45 -4.20 -5.62
N ASP A 66 -10.82 -5.35 -5.90
CA ASP A 66 -11.52 -6.61 -6.23
C ASP A 66 -11.71 -7.53 -5.01
N TYR A 67 -11.02 -7.24 -3.90
CA TYR A 67 -11.07 -8.10 -2.71
C TYR A 67 -11.94 -7.45 -1.62
N ASP A 68 -13.21 -7.86 -1.60
CA ASP A 68 -14.24 -7.31 -0.74
C ASP A 68 -14.10 -7.63 0.73
N ARG A 69 -13.31 -8.65 1.09
CA ARG A 69 -13.09 -9.00 2.49
C ARG A 69 -11.76 -8.47 3.02
N LEU A 70 -10.77 -8.28 2.16
CA LEU A 70 -9.46 -7.76 2.55
C LEU A 70 -9.54 -6.24 2.69
N ARG A 71 -10.17 -5.58 1.70
CA ARG A 71 -10.31 -4.12 1.63
C ARG A 71 -10.84 -3.45 2.91
N PRO A 72 -11.92 -3.95 3.56
CA PRO A 72 -12.42 -3.26 4.77
C PRO A 72 -11.45 -3.23 5.94
N LEU A 73 -10.33 -3.97 5.86
CA LEU A 73 -9.29 -3.94 6.89
C LEU A 73 -8.46 -2.64 6.88
N SER A 74 -8.60 -1.82 5.82
CA SER A 74 -7.95 -0.53 5.72
C SER A 74 -8.71 0.54 6.49
N TYR A 75 -10.04 0.36 6.73
CA TYR A 75 -10.92 1.36 7.34
C TYR A 75 -10.82 1.59 8.85
N PRO A 76 -10.45 0.61 9.71
CA PRO A 76 -10.44 0.88 11.16
C PRO A 76 -9.77 2.18 11.58
N ASP A 77 -10.48 2.97 12.40
CA ASP A 77 -10.01 4.21 13.01
C ASP A 77 -9.72 5.36 12.03
N THR A 78 -10.28 5.32 10.80
CA THR A 78 -10.12 6.39 9.83
C THR A 78 -10.85 7.67 10.36
N ASP A 79 -10.17 8.82 10.24
CA ASP A 79 -10.66 10.11 10.68
C ASP A 79 -11.20 10.93 9.50
N VAL A 80 -10.71 10.69 8.25
CA VAL A 80 -11.21 11.39 7.06
C VAL A 80 -11.06 10.48 5.83
N ILE A 81 -12.06 10.48 4.93
CA ILE A 81 -12.00 9.68 3.71
C ILE A 81 -11.80 10.59 2.50
N LEU A 82 -10.81 10.32 1.64
CA LEU A 82 -10.73 11.05 0.37
C LEU A 82 -11.38 10.12 -0.65
N MET A 83 -12.54 10.47 -1.15
CA MET A 83 -13.24 9.65 -2.15
CA MET A 83 -13.26 9.66 -2.14
C MET A 83 -12.86 10.18 -3.52
N CYS A 84 -11.95 9.50 -4.19
CA CYS A 84 -11.41 9.92 -5.48
CA CYS A 84 -11.42 9.93 -5.49
C CYS A 84 -12.14 9.35 -6.71
N PHE A 85 -12.19 10.15 -7.77
CA PHE A 85 -12.67 9.85 -9.11
C PHE A 85 -11.78 10.64 -10.08
N SER A 86 -11.72 10.21 -11.34
CA SER A 86 -10.90 10.90 -12.33
C SER A 86 -11.77 11.68 -13.30
N ILE A 87 -11.47 12.96 -13.54
CA ILE A 87 -12.21 13.85 -14.43
C ILE A 87 -12.23 13.34 -15.90
N ASP A 88 -11.23 12.54 -16.31
CA ASP A 88 -11.23 11.96 -17.65
C ASP A 88 -12.02 10.64 -17.76
N SER A 89 -12.71 10.24 -16.69
CA SER A 89 -13.45 9.00 -16.66
C SER A 89 -14.85 9.21 -16.03
N PRO A 90 -15.84 9.74 -16.80
CA PRO A 90 -17.18 9.96 -16.24
C PRO A 90 -17.85 8.71 -15.67
N ASP A 91 -17.44 7.52 -16.12
CA ASP A 91 -17.95 6.25 -15.63
C ASP A 91 -17.48 6.01 -14.19
N SER A 92 -16.20 6.35 -13.89
CA SER A 92 -15.69 6.22 -12.52
C SER A 92 -16.47 7.10 -11.51
N LEU A 93 -17.18 8.14 -12.00
CA LEU A 93 -17.98 8.99 -11.15
C LEU A 93 -19.31 8.30 -10.82
N GLU A 94 -19.90 7.58 -11.79
CA GLU A 94 -21.16 6.86 -11.59
C GLU A 94 -21.02 5.81 -10.47
N ASN A 95 -19.81 5.23 -10.29
CA ASN A 95 -19.60 4.25 -9.23
C ASN A 95 -19.49 4.86 -7.82
N ILE A 96 -19.30 6.18 -7.73
CA ILE A 96 -19.18 6.86 -6.45
C ILE A 96 -20.44 6.63 -5.56
N PRO A 97 -21.69 6.90 -6.00
CA PRO A 97 -22.84 6.66 -5.10
C PRO A 97 -23.29 5.20 -5.03
N GLU A 98 -23.05 4.41 -6.09
CA GLU A 98 -23.51 3.03 -6.13
C GLU A 98 -22.59 2.02 -5.46
N LYS A 99 -21.28 2.23 -5.52
CA LYS A 99 -20.36 1.27 -4.93
C LYS A 99 -19.62 1.77 -3.69
N TRP A 100 -18.95 2.93 -3.79
CA TRP A 100 -18.07 3.37 -2.72
C TRP A 100 -18.72 4.05 -1.56
N THR A 101 -19.75 4.89 -1.79
CA THR A 101 -20.42 5.60 -0.72
C THR A 101 -21.08 4.64 0.27
N PRO A 102 -21.94 3.68 -0.13
CA PRO A 102 -22.56 2.79 0.87
C PRO A 102 -21.56 1.93 1.65
N GLU A 103 -20.38 1.63 1.08
CA GLU A 103 -19.36 0.86 1.76
C GLU A 103 -18.66 1.75 2.80
N VAL A 104 -18.31 3.00 2.41
CA VAL A 104 -17.62 3.90 3.34
C VAL A 104 -18.56 4.36 4.46
N LYS A 105 -19.86 4.45 4.22
CA LYS A 105 -20.81 4.84 5.27
C LYS A 105 -21.05 3.70 6.26
N HIS A 106 -21.00 2.43 5.75
CA HIS A 106 -21.18 1.20 6.53
C HIS A 106 -20.01 0.96 7.48
N PHE A 107 -18.77 1.03 6.97
CA PHE A 107 -17.56 0.79 7.77
C PHE A 107 -17.06 2.04 8.51
N CYS A 108 -17.37 3.22 8.00
CA CYS A 108 -16.93 4.46 8.61
C CYS A 108 -18.12 5.40 8.90
N PRO A 109 -18.98 5.06 9.87
CA PRO A 109 -20.11 5.95 10.16
C PRO A 109 -19.65 7.28 10.72
N ASN A 110 -20.25 8.37 10.27
CA ASN A 110 -19.94 9.70 10.78
C ASN A 110 -18.54 10.22 10.49
N VAL A 111 -17.80 9.61 9.53
CA VAL A 111 -16.48 10.06 9.12
C VAL A 111 -16.59 11.00 7.91
N PRO A 112 -16.02 12.21 8.00
CA PRO A 112 -16.11 13.15 6.86
C PRO A 112 -15.53 12.59 5.59
N ILE A 113 -16.20 12.79 4.47
CA ILE A 113 -15.77 12.31 3.17
C ILE A 113 -15.57 13.49 2.27
N ILE A 114 -14.39 13.65 1.65
CA ILE A 114 -14.20 14.73 0.68
C ILE A 114 -14.15 14.14 -0.71
N LEU A 115 -15.07 14.51 -1.61
CA LEU A 115 -15.07 13.98 -2.98
C LEU A 115 -14.01 14.75 -3.74
N VAL A 116 -13.02 14.05 -4.29
CA VAL A 116 -11.92 14.67 -5.00
C VAL A 116 -11.91 14.32 -6.49
N GLY A 117 -12.03 15.34 -7.34
CA GLY A 117 -11.91 15.15 -8.77
C GLY A 117 -10.45 15.27 -9.16
N ASN A 118 -9.84 14.13 -9.51
CA ASN A 118 -8.43 14.09 -9.87
C ASN A 118 -8.20 14.32 -11.34
N LYS A 119 -6.96 14.62 -11.72
CA LYS A 119 -6.56 14.77 -13.10
C LYS A 119 -7.32 15.89 -13.81
N LYS A 120 -7.48 17.03 -13.14
CA LYS A 120 -8.26 18.14 -13.72
C LYS A 120 -7.60 18.79 -14.96
N ASP A 121 -6.31 18.55 -15.17
CA ASP A 121 -5.56 19.02 -16.33
C ASP A 121 -6.10 18.39 -17.64
N LEU A 122 -6.61 17.15 -17.55
CA LEU A 122 -7.18 16.44 -18.68
C LEU A 122 -8.48 17.05 -19.23
N ARG A 123 -9.04 18.05 -18.54
CA ARG A 123 -10.22 18.76 -19.03
C ARG A 123 -9.86 19.55 -20.30
N ASN A 124 -8.60 19.98 -20.45
CA ASN A 124 -8.15 20.74 -21.62
C ASN A 124 -7.23 19.94 -22.57
N ASP A 125 -7.05 18.62 -22.32
CA ASP A 125 -6.22 17.78 -23.16
C ASP A 125 -7.03 17.35 -24.37
N GLU A 126 -6.46 17.48 -25.58
CA GLU A 126 -7.19 17.16 -26.80
C GLU A 126 -7.41 15.66 -27.00
N HIS A 127 -6.42 14.84 -26.64
CA HIS A 127 -6.55 13.38 -26.76
C HIS A 127 -7.61 12.83 -25.80
N THR A 128 -7.79 13.47 -24.65
CA THR A 128 -8.79 13.06 -23.66
C THR A 128 -10.18 13.31 -24.19
N ARG A 129 -10.40 14.49 -24.80
CA ARG A 129 -11.69 14.84 -25.37
C ARG A 129 -12.02 13.99 -26.58
N ARG A 130 -11.06 13.80 -27.50
CA ARG A 130 -11.28 13.00 -28.71
C ARG A 130 -11.67 11.56 -28.39
N GLU A 131 -10.99 10.94 -27.41
CA GLU A 131 -11.28 9.57 -27.05
C GLU A 131 -12.60 9.46 -26.32
N LEU A 132 -12.91 10.42 -25.44
CA LEU A 132 -14.16 10.40 -24.69
C LEU A 132 -15.34 10.55 -25.61
N ALA A 133 -15.25 11.45 -26.61
CA ALA A 133 -16.32 11.67 -27.60
C ALA A 133 -16.62 10.43 -28.46
N LYS A 134 -15.66 9.49 -28.58
CA LYS A 134 -15.88 8.24 -29.32
C LYS A 134 -16.92 7.38 -28.59
N MET A 135 -16.84 7.36 -27.23
CA MET A 135 -17.76 6.62 -26.37
C MET A 135 -18.93 7.50 -25.90
N LYS A 136 -19.35 8.50 -26.71
CA LYS A 136 -20.43 9.46 -26.45
C LYS A 136 -20.25 10.23 -25.15
N GLN A 137 -19.01 10.56 -24.78
CA GLN A 137 -18.74 11.23 -23.50
C GLN A 137 -17.87 12.51 -23.57
N GLU A 138 -17.64 13.14 -22.42
CA GLU A 138 -16.79 14.33 -22.28
C GLU A 138 -16.28 14.43 -20.83
N PRO A 139 -15.19 15.20 -20.53
CA PRO A 139 -14.72 15.28 -19.15
C PRO A 139 -15.80 15.73 -18.15
N VAL A 140 -15.72 15.19 -16.91
CA VAL A 140 -16.64 15.53 -15.81
C VAL A 140 -16.59 17.02 -15.59
N LYS A 141 -17.75 17.67 -15.66
CA LYS A 141 -17.86 19.11 -15.51
C LYS A 141 -17.81 19.51 -14.03
N PRO A 142 -17.32 20.72 -13.70
CA PRO A 142 -17.27 21.13 -12.29
C PRO A 142 -18.62 21.00 -11.55
N GLU A 143 -19.75 21.30 -12.21
CA GLU A 143 -21.06 21.17 -11.59
C GLU A 143 -21.47 19.71 -11.37
N GLU A 144 -21.02 18.80 -12.22
CA GLU A 144 -21.33 17.37 -12.06
C GLU A 144 -20.60 16.80 -10.84
N GLY A 145 -19.39 17.26 -10.58
CA GLY A 145 -18.66 16.85 -9.39
C GLY A 145 -19.31 17.41 -8.13
N ARG A 146 -19.62 18.72 -8.14
CA ARG A 146 -20.27 19.38 -7.00
C ARG A 146 -21.62 18.76 -6.68
N ASP A 147 -22.39 18.38 -7.72
CA ASP A 147 -23.71 17.79 -7.50
C ASP A 147 -23.63 16.42 -6.91
N MET A 148 -22.64 15.64 -7.34
CA MET A 148 -22.39 14.32 -6.81
C MET A 148 -21.99 14.40 -5.35
N ALA A 149 -21.07 15.33 -4.98
CA ALA A 149 -20.64 15.48 -3.58
C ALA A 149 -21.85 15.83 -2.70
N ASN A 150 -22.71 16.73 -3.22
CA ASN A 150 -23.93 17.16 -2.58
C ASN A 150 -24.89 15.98 -2.37
N ARG A 151 -25.14 15.20 -3.42
CA ARG A 151 -26.02 14.03 -3.38
C ARG A 151 -25.52 12.97 -2.38
N ILE A 152 -24.21 12.65 -2.36
CA ILE A 152 -23.71 11.61 -1.45
C ILE A 152 -23.49 12.08 0.01
N GLY A 153 -23.78 13.34 0.30
CA GLY A 153 -23.66 13.88 1.64
C GLY A 153 -22.22 14.13 2.07
N ALA A 154 -21.34 14.41 1.08
CA ALA A 154 -19.92 14.69 1.32
C ALA A 154 -19.73 15.96 2.12
N PHE A 155 -18.62 16.03 2.86
CA PHE A 155 -18.25 17.21 3.63
C PHE A 155 -17.95 18.42 2.69
N GLY A 156 -17.45 18.12 1.49
CA GLY A 156 -17.15 19.12 0.49
C GLY A 156 -16.60 18.49 -0.79
N TYR A 157 -16.37 19.32 -1.82
CA TYR A 157 -15.87 18.90 -3.11
C TYR A 157 -14.61 19.64 -3.44
N MET A 158 -13.57 18.91 -3.87
CA MET A 158 -12.31 19.54 -4.24
C MET A 158 -11.79 18.97 -5.54
N GLU A 159 -11.00 19.74 -6.30
CA GLU A 159 -10.35 19.24 -7.51
C GLU A 159 -8.82 19.48 -7.43
N CYS A 160 -8.05 18.61 -8.04
CA CYS A 160 -6.59 18.74 -8.06
C CYS A 160 -5.99 18.08 -9.29
N SER A 161 -4.70 18.31 -9.53
CA SER A 161 -3.95 17.68 -10.63
C SER A 161 -2.64 17.20 -10.07
N ALA A 162 -2.46 15.89 -9.83
CA ALA A 162 -1.19 15.38 -9.30
C ALA A 162 -0.03 15.63 -10.28
N LYS A 163 -0.32 15.71 -11.59
CA LYS A 163 0.69 15.95 -12.62
C LYS A 163 1.30 17.36 -12.52
N THR A 164 0.48 18.38 -12.34
CA THR A 164 0.96 19.76 -12.23
C THR A 164 1.13 20.24 -10.76
N LYS A 165 0.68 19.43 -9.79
CA LYS A 165 0.68 19.70 -8.35
C LYS A 165 -0.36 20.74 -7.91
N ASP A 166 -1.18 21.28 -8.85
CA ASP A 166 -2.18 22.27 -8.51
C ASP A 166 -3.33 21.66 -7.70
N GLY A 167 -3.64 22.29 -6.57
CA GLY A 167 -4.72 21.87 -5.70
C GLY A 167 -4.39 20.77 -4.73
N VAL A 168 -3.22 20.12 -4.89
CA VAL A 168 -2.81 19.00 -4.04
C VAL A 168 -2.63 19.43 -2.57
N ARG A 169 -1.81 20.46 -2.30
CA ARG A 169 -1.60 20.92 -0.92
C ARG A 169 -2.90 21.26 -0.20
N GLU A 170 -3.83 21.97 -0.88
CA GLU A 170 -5.11 22.36 -0.30
C GLU A 170 -6.02 21.19 0.05
N VAL A 171 -6.00 20.11 -0.74
CA VAL A 171 -6.84 18.93 -0.47
C VAL A 171 -6.48 18.32 0.89
N PHE A 172 -5.19 18.16 1.13
CA PHE A 172 -4.66 17.55 2.35
C PHE A 172 -4.78 18.44 3.59
N GLU A 173 -4.58 19.76 3.45
CA GLU A 173 -4.82 20.66 4.59
C GLU A 173 -6.32 20.68 4.93
N MET A 174 -7.20 20.61 3.92
CA MET A 174 -8.65 20.60 4.18
C MET A 174 -9.06 19.28 4.86
N ALA A 175 -8.48 18.18 4.40
CA ALA A 175 -8.72 16.85 4.96
C ALA A 175 -8.32 16.82 6.46
N THR A 176 -7.30 17.58 6.85
CA THR A 176 -6.82 17.68 8.23
C THR A 176 -7.83 18.43 9.06
N ARG A 177 -8.37 19.53 8.51
CA ARG A 177 -9.41 20.31 9.15
C ARG A 177 -10.64 19.43 9.38
N ALA A 178 -11.08 18.69 8.34
CA ALA A 178 -12.22 17.78 8.40
C ALA A 178 -12.01 16.71 9.45
N ALA A 179 -10.79 16.15 9.54
CA ALA A 179 -10.46 15.13 10.54
C ALA A 179 -10.50 15.70 11.95
N LEU A 180 -10.13 16.96 12.12
CA LEU A 180 -10.13 17.61 13.44
C LEU A 180 -11.53 17.91 14.01
N GLN A 181 -12.55 18.11 13.16
CA GLN A 181 -13.91 18.36 13.63
C GLN A 181 -14.41 17.15 14.43
N ALA A 182 -14.98 17.40 15.64
CA ALA A 182 -15.44 16.31 16.52
C ALA A 182 -16.65 15.57 15.94
N SER B 1 16.97 -3.99 8.65
CA SER B 1 17.71 -4.17 7.42
CA SER B 1 17.72 -4.22 7.43
C SER B 1 19.23 -4.10 7.61
N MET B 2 20.01 -4.65 6.67
CA MET B 2 21.46 -4.58 6.77
C MET B 2 22.00 -3.48 5.86
N GLU B 3 23.00 -2.73 6.34
CA GLU B 3 23.57 -1.58 5.64
C GLU B 3 23.89 -1.80 4.17
N MET B 4 24.41 -2.99 3.82
CA MET B 4 24.74 -3.34 2.44
CA MET B 4 24.74 -3.34 2.44
C MET B 4 23.51 -3.23 1.54
N ASP B 5 22.39 -3.84 1.97
CA ASP B 5 21.14 -3.83 1.24
C ASP B 5 20.49 -2.47 1.22
N GLU B 6 20.55 -1.71 2.34
CA GLU B 6 19.92 -0.38 2.36
C GLU B 6 20.56 0.55 1.37
N LYS B 7 21.88 0.46 1.20
CA LYS B 7 22.57 1.33 0.25
C LYS B 7 22.29 0.88 -1.18
N ASP B 8 22.20 -0.44 -1.43
CA ASP B 8 21.92 -0.94 -2.77
C ASP B 8 20.54 -0.49 -3.24
N PHE B 9 19.58 -0.35 -2.30
CA PHE B 9 18.23 0.07 -2.61
C PHE B 9 17.92 1.45 -1.98
N ALA B 10 18.90 2.36 -1.94
CA ALA B 10 18.73 3.70 -1.36
C ALA B 10 18.20 4.71 -2.39
N ALA B 11 18.57 4.53 -3.66
CA ALA B 11 18.15 5.44 -4.71
C ALA B 11 16.65 5.35 -5.00
N ASP B 12 16.08 6.41 -5.62
CA ASP B 12 14.67 6.41 -5.97
C ASP B 12 14.36 5.45 -7.12
N SER B 13 15.35 5.06 -7.93
CA SER B 13 15.10 4.15 -9.05
C SER B 13 16.34 3.33 -9.44
N TRP B 14 16.15 2.35 -10.34
CA TRP B 14 17.26 1.59 -10.91
C TRP B 14 18.13 2.56 -11.75
N SER B 15 17.51 3.54 -12.46
CA SER B 15 18.25 4.50 -13.27
CA SER B 15 18.24 4.51 -13.27
C SER B 15 19.24 5.29 -12.42
N LEU B 16 18.87 5.64 -11.21
CA LEU B 16 19.73 6.40 -10.31
C LEU B 16 20.64 5.52 -9.44
N ALA B 17 20.36 4.22 -9.35
CA ALA B 17 21.13 3.33 -8.52
C ALA B 17 22.43 2.90 -9.25
N VAL B 18 22.30 2.55 -10.55
CA VAL B 18 23.41 2.16 -11.40
C VAL B 18 24.22 3.40 -11.80
N ASP B 19 25.48 3.19 -12.22
CA ASP B 19 26.37 4.24 -12.71
C ASP B 19 25.77 4.80 -14.01
N SER B 20 25.87 6.12 -14.24
CA SER B 20 25.32 6.75 -15.45
C SER B 20 25.89 6.20 -16.75
N SER B 21 27.16 5.82 -16.76
CA SER B 21 27.78 5.26 -17.96
C SER B 21 27.30 3.82 -18.25
N PHE B 22 26.77 3.12 -17.22
CA PHE B 22 26.17 1.81 -17.36
C PHE B 22 24.72 1.99 -17.83
N LEU B 23 24.01 3.01 -17.33
CA LEU B 23 22.64 3.33 -17.73
C LEU B 23 22.61 3.67 -19.22
N GLN B 24 23.57 4.48 -19.67
CA GLN B 24 23.68 4.93 -21.05
C GLN B 24 23.76 3.80 -22.06
N GLN B 25 24.32 2.65 -21.66
CA GLN B 25 24.48 1.49 -22.53
C GLN B 25 23.17 0.73 -22.81
N HIS B 26 22.07 1.03 -22.08
CA HIS B 26 20.84 0.27 -22.24
C HIS B 26 19.70 0.95 -22.99
N LYS B 27 18.81 0.13 -23.59
CA LYS B 27 17.62 0.63 -24.28
C LYS B 27 16.62 1.18 -23.27
N LYS B 28 15.75 2.11 -23.67
CA LYS B 28 14.77 2.71 -22.77
C LYS B 28 13.84 1.66 -22.16
N GLU B 29 13.36 0.71 -22.99
CA GLU B 29 12.48 -0.35 -22.53
C GLU B 29 13.08 -1.18 -21.40
N VAL B 30 14.40 -1.44 -21.46
CA VAL B 30 15.12 -2.20 -20.42
C VAL B 30 15.17 -1.39 -19.13
N MET B 31 15.48 -0.08 -19.23
CA MET B 31 15.52 0.81 -18.06
C MET B 31 14.15 0.85 -17.38
N LYS B 32 13.08 0.93 -18.16
CA LYS B 32 11.72 0.92 -17.62
C LYS B 32 11.42 -0.40 -16.92
N GLN B 33 11.83 -1.54 -17.50
CA GLN B 33 11.61 -2.85 -16.90
C GLN B 33 12.35 -2.95 -15.57
N GLN B 34 13.62 -2.56 -15.59
CA GLN B 34 14.52 -2.58 -14.44
C GLN B 34 14.05 -1.71 -13.29
N ASP B 35 13.42 -0.60 -13.62
CA ASP B 35 12.86 0.29 -12.61
C ASP B 35 11.75 -0.39 -11.83
N VAL B 36 10.88 -1.15 -12.51
CA VAL B 36 9.77 -1.80 -11.81
C VAL B 36 10.30 -3.00 -11.01
N ILE B 37 11.27 -3.75 -11.57
CA ILE B 37 11.88 -4.85 -10.81
C ILE B 37 12.58 -4.32 -9.55
N TYR B 38 13.35 -3.23 -9.66
CA TYR B 38 14.02 -2.61 -8.52
C TYR B 38 13.00 -2.16 -7.47
N GLU B 39 11.82 -1.66 -7.91
CA GLU B 39 10.80 -1.26 -6.95
C GLU B 39 10.25 -2.50 -6.25
N LEU B 40 10.07 -3.63 -6.97
CA LEU B 40 9.57 -4.84 -6.33
C LEU B 40 10.52 -5.33 -5.21
N ILE B 41 11.84 -5.31 -5.44
CA ILE B 41 12.79 -5.74 -4.42
C ILE B 41 12.94 -4.72 -3.31
N GLN B 42 13.00 -3.42 -3.66
CA GLN B 42 13.10 -2.37 -2.66
C GLN B 42 11.93 -2.40 -1.66
N THR B 43 10.66 -2.59 -2.15
CA THR B 43 9.46 -2.67 -1.28
C THR B 43 9.45 -3.99 -0.46
N GLU B 44 10.00 -5.06 -1.02
CA GLU B 44 10.11 -6.36 -0.33
C GLU B 44 11.13 -6.26 0.81
N LEU B 45 12.21 -5.50 0.60
CA LEU B 45 13.20 -5.24 1.64
C LEU B 45 12.51 -4.47 2.80
N HIS B 46 11.69 -3.47 2.48
CA HIS B 46 10.95 -2.67 3.48
C HIS B 46 9.92 -3.49 4.23
N HIS B 47 9.24 -4.39 3.52
CA HIS B 47 8.28 -5.33 4.08
C HIS B 47 8.94 -6.23 5.12
N VAL B 48 10.08 -6.90 4.77
CA VAL B 48 10.83 -7.76 5.69
C VAL B 48 11.28 -6.97 6.93
N ARG B 49 11.77 -5.76 6.72
CA ARG B 49 12.14 -4.86 7.82
C ARG B 49 10.96 -4.56 8.76
N THR B 50 9.74 -4.29 8.21
CA THR B 50 8.50 -4.04 8.98
C THR B 50 8.24 -5.23 9.91
N LEU B 51 8.34 -6.47 9.40
CA LEU B 51 8.19 -7.69 10.18
C LEU B 51 9.29 -7.86 11.26
N LYS B 52 10.53 -7.37 11.01
CA LYS B 52 11.57 -7.42 12.05
C LYS B 52 11.26 -6.41 13.15
N ILE B 53 10.60 -5.29 12.84
CA ILE B 53 10.19 -4.32 13.85
C ILE B 53 9.12 -4.99 14.76
N MET B 54 8.17 -5.74 14.14
CA MET B 54 7.13 -6.46 14.88
C MET B 54 7.71 -7.58 15.72
N THR B 55 8.66 -8.38 15.20
CA THR B 55 9.24 -9.50 15.99
C THR B 55 10.30 -9.08 17.01
N ARG B 56 11.31 -8.31 16.59
CA ARG B 56 12.44 -7.97 17.45
C ARG B 56 12.24 -6.75 18.32
N LEU B 57 11.52 -5.75 17.85
CA LEU B 57 11.34 -4.53 18.62
C LEU B 57 10.09 -4.57 19.49
N PHE B 58 8.94 -4.86 18.89
CA PHE B 58 7.70 -4.92 19.61
C PHE B 58 7.49 -6.22 20.37
N ARG B 59 7.36 -7.36 19.67
CA ARG B 59 7.08 -8.66 20.28
C ARG B 59 8.07 -9.11 21.36
N THR B 60 9.36 -9.12 21.04
CA THR B 60 10.38 -9.55 21.98
C THR B 60 10.53 -8.54 23.13
N GLY B 61 10.41 -7.25 22.85
CA GLY B 61 10.51 -6.22 23.86
C GLY B 61 9.41 -6.33 24.90
N MET B 62 8.21 -6.70 24.46
CA MET B 62 7.08 -6.87 25.37
C MET B 62 7.34 -8.08 26.27
N LEU B 63 7.88 -9.16 25.72
CA LEU B 63 8.16 -10.35 26.50
C LEU B 63 9.26 -10.08 27.52
N GLU B 64 10.29 -9.34 27.12
CA GLU B 64 11.43 -9.07 27.99
C GLU B 64 11.25 -7.94 28.99
N GLU B 65 10.31 -7.00 28.75
CA GLU B 65 10.17 -5.86 29.66
C GLU B 65 8.83 -5.75 30.37
N LEU B 66 7.83 -6.52 29.92
CA LEU B 66 6.49 -6.45 30.52
C LEU B 66 6.02 -7.76 31.18
N HIS B 67 4.88 -7.71 31.87
CA HIS B 67 4.25 -8.83 32.53
C HIS B 67 2.86 -9.04 31.92
N LEU B 68 2.84 -9.62 30.73
CA LEU B 68 1.63 -9.94 29.97
C LEU B 68 1.68 -11.45 29.67
N GLU B 69 0.50 -12.11 29.61
CA GLU B 69 0.47 -13.53 29.22
C GLU B 69 1.05 -13.73 27.81
N PRO B 70 1.73 -14.85 27.51
CA PRO B 70 2.19 -15.06 26.13
C PRO B 70 1.05 -15.05 25.11
N GLY B 71 -0.19 -15.24 25.58
CA GLY B 71 -1.38 -15.21 24.74
C GLY B 71 -1.75 -13.80 24.30
N VAL B 72 -1.42 -12.79 25.12
CA VAL B 72 -1.68 -11.37 24.84
C VAL B 72 -0.76 -10.91 23.71
N VAL B 73 0.53 -11.26 23.82
CA VAL B 73 1.54 -10.91 22.84
C VAL B 73 1.29 -11.64 21.50
N GLN B 74 0.80 -12.88 21.57
CA GLN B 74 0.44 -13.68 20.40
C GLN B 74 -0.78 -13.09 19.65
N GLY B 75 -1.68 -12.45 20.39
CA GLY B 75 -2.86 -11.82 19.81
C GLY B 75 -2.55 -10.49 19.18
N LEU B 76 -1.52 -9.80 19.71
CA LEU B 76 -1.04 -8.52 19.17
C LEU B 76 -0.23 -8.77 17.89
N PHE B 77 0.51 -9.90 17.82
CA PHE B 77 1.40 -10.21 16.70
C PHE B 77 1.15 -11.60 16.10
N PRO B 78 -0.07 -11.86 15.61
CA PRO B 78 -0.34 -13.18 15.02
C PRO B 78 0.54 -13.49 13.80
N CYS B 79 0.94 -14.76 13.61
CA CYS B 79 1.68 -15.27 12.45
C CYS B 79 3.00 -14.56 12.09
N VAL B 80 3.55 -13.71 12.94
CA VAL B 80 4.74 -12.92 12.60
CA VAL B 80 4.72 -12.91 12.59
C VAL B 80 6.00 -13.74 12.34
N ASP B 81 6.18 -14.89 13.04
CA ASP B 81 7.36 -15.71 12.81
C ASP B 81 7.24 -16.41 11.45
N GLU B 82 6.05 -16.94 11.12
CA GLU B 82 5.84 -17.62 9.86
CA GLU B 82 5.84 -17.63 9.86
C GLU B 82 5.95 -16.65 8.68
N LEU B 83 5.36 -15.46 8.80
CA LEU B 83 5.41 -14.43 7.77
C LEU B 83 6.83 -13.92 7.57
N SER B 84 7.59 -13.80 8.67
CA SER B 84 8.96 -13.38 8.62
C SER B 84 9.80 -14.42 7.86
N ASP B 85 9.51 -15.73 8.00
CA ASP B 85 10.29 -16.76 7.29
C ASP B 85 9.96 -16.82 5.82
N ILE B 86 8.66 -16.72 5.47
CA ILE B 86 8.18 -16.71 4.10
C ILE B 86 8.87 -15.58 3.29
N HIS B 87 8.81 -14.36 3.84
CA HIS B 87 9.34 -13.21 3.16
C HIS B 87 10.85 -13.09 3.24
N THR B 88 11.52 -13.53 4.35
CA THR B 88 12.98 -13.49 4.37
C THR B 88 13.55 -14.44 3.34
N ARG B 89 12.91 -15.61 3.11
CA ARG B 89 13.33 -16.50 2.04
C ARG B 89 13.10 -15.90 0.63
N PHE B 90 11.94 -15.24 0.41
CA PHE B 90 11.61 -14.61 -0.87
C PHE B 90 12.65 -13.53 -1.19
N LEU B 91 12.91 -12.65 -0.20
CA LEU B 91 13.91 -11.57 -0.29
C LEU B 91 15.31 -12.13 -0.60
N SER B 92 15.69 -13.25 0.04
CA SER B 92 16.99 -13.87 -0.23
CA SER B 92 16.99 -13.87 -0.24
C SER B 92 17.08 -14.30 -1.71
N GLN B 93 16.00 -14.91 -2.25
CA GLN B 93 15.96 -15.33 -3.67
C GLN B 93 16.06 -14.13 -4.64
N LEU B 94 15.39 -13.00 -4.33
CA LEU B 94 15.37 -11.78 -5.16
C LEU B 94 16.76 -11.08 -5.16
N LEU B 95 17.34 -10.93 -3.95
CA LEU B 95 18.66 -10.31 -3.76
C LEU B 95 19.76 -11.15 -4.39
N GLU B 96 19.60 -12.50 -4.39
CA GLU B 96 20.62 -13.37 -4.98
C GLU B 96 20.56 -13.28 -6.50
N ARG B 97 19.36 -13.23 -7.07
CA ARG B 97 19.15 -13.07 -8.50
C ARG B 97 19.82 -11.74 -8.99
N ARG B 98 19.75 -10.68 -8.17
CA ARG B 98 20.37 -9.39 -8.48
C ARG B 98 21.88 -9.51 -8.40
N ARG B 99 22.37 -10.20 -7.36
CA ARG B 99 23.80 -10.34 -7.16
CA ARG B 99 23.81 -10.35 -7.14
C ARG B 99 24.44 -11.10 -8.30
N GLN B 100 23.80 -12.18 -8.74
CA GLN B 100 24.29 -12.98 -9.85
C GLN B 100 24.43 -12.20 -11.14
N ALA B 101 23.65 -11.15 -11.31
CA ALA B 101 23.57 -10.28 -12.47
C ALA B 101 24.54 -9.10 -12.46
N LEU B 102 25.24 -8.87 -11.32
CA LEU B 102 26.22 -7.79 -11.19
C LEU B 102 27.42 -7.95 -12.14
N CYS B 103 27.84 -6.82 -12.75
CA CYS B 103 29.02 -6.81 -13.59
C CYS B 103 30.23 -7.06 -12.69
N PRO B 104 31.24 -7.86 -13.14
CA PRO B 104 32.46 -8.01 -12.33
C PRO B 104 33.14 -6.64 -12.12
N GLY B 105 33.57 -6.36 -10.89
CA GLY B 105 34.18 -5.09 -10.52
C GLY B 105 33.17 -4.02 -10.12
N SER B 106 31.89 -4.37 -10.09
CA SER B 106 30.85 -3.46 -9.71
C SER B 106 29.96 -4.10 -8.66
N THR B 107 29.50 -3.32 -7.71
CA THR B 107 28.52 -3.80 -6.71
C THR B 107 27.16 -3.10 -6.90
N ARG B 108 26.99 -2.28 -7.97
CA ARG B 108 25.77 -1.54 -8.22
C ARG B 108 25.18 -1.71 -9.63
N ASN B 109 26.00 -2.04 -10.65
CA ASN B 109 25.52 -2.20 -12.03
C ASN B 109 25.05 -3.62 -12.35
N PHE B 110 23.78 -3.78 -12.75
CA PHE B 110 23.19 -5.09 -13.10
C PHE B 110 21.94 -4.94 -13.99
N VAL B 111 21.43 -6.03 -14.57
CA VAL B 111 20.21 -6.12 -15.36
C VAL B 111 19.63 -7.50 -15.07
N ILE B 112 18.40 -7.59 -14.57
CA ILE B 112 17.77 -8.87 -14.28
C ILE B 112 16.88 -9.23 -15.48
N HIS B 113 17.27 -10.29 -16.21
CA HIS B 113 16.55 -10.74 -17.41
C HIS B 113 15.47 -11.79 -17.06
N ARG B 114 15.78 -12.74 -16.18
N ARG B 114 15.79 -12.73 -16.16
CA ARG B 114 14.81 -13.75 -15.75
CA ARG B 114 14.83 -13.75 -15.73
C ARG B 114 14.26 -13.35 -14.40
C ARG B 114 14.28 -13.38 -14.37
N LEU B 115 12.95 -13.39 -14.23
N LEU B 115 12.95 -13.37 -14.23
CA LEU B 115 12.28 -13.07 -12.98
CA LEU B 115 12.28 -13.06 -12.97
C LEU B 115 11.00 -13.89 -12.81
C LEU B 115 11.00 -13.89 -12.81
N GLY B 116 10.29 -14.11 -13.90
CA GLY B 116 9.07 -14.90 -13.92
C GLY B 116 9.19 -16.27 -13.27
N ASP B 117 10.35 -16.93 -13.44
CA ASP B 117 10.59 -18.23 -12.83
CA ASP B 117 10.54 -18.23 -12.81
C ASP B 117 10.52 -18.13 -11.29
N LEU B 118 11.27 -17.19 -10.72
CA LEU B 118 11.32 -16.95 -9.28
C LEU B 118 9.91 -16.62 -8.74
N LEU B 119 9.16 -15.80 -9.49
CA LEU B 119 7.80 -15.44 -9.08
C LEU B 119 6.84 -16.63 -9.18
N ILE B 120 7.08 -17.57 -10.11
CA ILE B 120 6.25 -18.78 -10.21
C ILE B 120 6.52 -19.75 -9.06
N SER B 121 7.75 -19.84 -8.57
CA SER B 121 8.08 -20.74 -7.46
CA SER B 121 8.09 -20.74 -7.46
C SER B 121 7.48 -20.24 -6.15
N GLN B 122 7.49 -18.92 -5.95
CA GLN B 122 6.98 -18.29 -4.76
C GLN B 122 5.47 -18.41 -4.67
N PHE B 123 4.76 -18.25 -5.80
CA PHE B 123 3.29 -18.24 -5.77
C PHE B 123 2.63 -19.52 -6.34
N SER B 124 3.32 -20.67 -6.29
CA SER B 124 2.74 -21.94 -6.76
C SER B 124 3.09 -23.12 -5.82
N GLY B 125 2.25 -24.16 -5.83
CA GLY B 125 2.44 -25.37 -5.04
C GLY B 125 2.56 -25.18 -3.54
N PRO B 126 3.17 -26.15 -2.84
CA PRO B 126 3.30 -26.06 -1.38
C PRO B 126 3.62 -24.68 -0.77
N SER B 127 4.59 -23.94 -1.32
CA SER B 127 4.97 -22.63 -0.77
C SER B 127 3.84 -21.61 -0.81
N ALA B 128 3.05 -21.62 -1.88
CA ALA B 128 1.90 -20.74 -2.02
C ALA B 128 0.77 -21.15 -1.10
N GLU B 129 0.65 -22.46 -0.82
CA GLU B 129 -0.38 -22.99 0.07
C GLU B 129 -0.12 -22.52 1.50
N GLN B 130 1.15 -22.52 1.93
CA GLN B 130 1.48 -22.09 3.28
CA GLN B 130 1.57 -22.08 3.27
C GLN B 130 1.30 -20.58 3.44
N MET B 131 1.68 -19.79 2.42
CA MET B 131 1.52 -18.32 2.39
C MET B 131 0.05 -17.92 2.35
N CYS B 132 -0.76 -18.68 1.60
CA CYS B 132 -2.18 -18.40 1.52
C CYS B 132 -2.84 -18.68 2.88
N LYS B 133 -2.50 -19.80 3.50
CA LYS B 133 -3.04 -20.17 4.80
C LYS B 133 -2.62 -19.16 5.87
N THR B 134 -1.34 -18.73 5.82
CA THR B 134 -0.78 -17.75 6.74
C THR B 134 -1.45 -16.39 6.60
N TYR B 135 -1.84 -15.96 5.38
CA TYR B 135 -2.45 -14.63 5.21
C TYR B 135 -3.93 -14.61 5.60
N SER B 136 -4.64 -15.72 5.37
CA SER B 136 -6.04 -15.83 5.81
C SER B 136 -6.07 -15.84 7.33
N GLU B 137 -5.07 -16.50 7.97
CA GLU B 137 -4.94 -16.55 9.41
C GLU B 137 -4.66 -15.13 9.91
N PHE B 138 -3.61 -14.46 9.42
CA PHE B 138 -3.28 -13.09 9.83
C PHE B 138 -4.47 -12.10 9.70
N CYS B 139 -5.09 -12.06 8.52
CA CYS B 139 -6.13 -11.11 8.22
C CYS B 139 -7.42 -11.34 9.01
N SER B 140 -7.68 -12.59 9.43
CA SER B 140 -8.82 -12.90 10.26
C SER B 140 -8.59 -12.50 11.71
N ARG B 141 -7.32 -12.33 12.14
CA ARG B 141 -6.94 -11.89 13.48
C ARG B 141 -6.47 -10.41 13.50
N HIS B 142 -6.58 -9.68 12.37
CA HIS B 142 -6.16 -8.30 12.21
C HIS B 142 -6.98 -7.35 13.10
N SER B 143 -8.33 -7.38 13.02
CA SER B 143 -9.15 -6.49 13.85
CA SER B 143 -9.14 -6.48 13.85
C SER B 143 -8.90 -6.75 15.33
N LYS B 144 -8.87 -8.04 15.75
CA LYS B 144 -8.64 -8.39 17.15
C LYS B 144 -7.27 -7.92 17.65
N ALA B 145 -6.24 -7.94 16.77
CA ALA B 145 -4.91 -7.45 17.15
C ALA B 145 -4.98 -5.95 17.43
N LEU B 146 -5.71 -5.19 16.60
CA LEU B 146 -5.92 -3.74 16.78
C LEU B 146 -6.66 -3.40 18.06
N LYS B 147 -7.79 -4.09 18.35
CA LYS B 147 -8.55 -3.79 19.57
C LYS B 147 -7.77 -4.13 20.83
N LEU B 148 -6.96 -5.17 20.79
CA LEU B 148 -6.13 -5.59 21.92
C LEU B 148 -5.02 -4.57 22.22
N TYR B 149 -4.39 -3.98 21.17
CA TYR B 149 -3.39 -2.93 21.32
C TYR B 149 -4.04 -1.72 21.97
N LYS B 150 -5.23 -1.33 21.50
CA LYS B 150 -5.95 -0.16 22.03
C LYS B 150 -6.43 -0.38 23.48
N GLU B 151 -6.86 -1.59 23.82
CA GLU B 151 -7.30 -1.94 25.17
C GLU B 151 -6.13 -1.85 26.14
N LEU B 152 -4.94 -2.35 25.73
CA LEU B 152 -3.74 -2.32 26.55
C LEU B 152 -3.15 -0.90 26.66
N TYR B 153 -3.18 -0.13 25.57
CA TYR B 153 -2.65 1.22 25.57
C TYR B 153 -3.50 2.18 26.46
N ALA B 154 -4.81 1.88 26.64
CA ALA B 154 -5.66 2.74 27.46
C ALA B 154 -5.86 2.27 28.90
N ARG B 155 -5.54 1.01 29.22
CA ARG B 155 -5.71 0.49 30.56
CA ARG B 155 -5.72 0.43 30.55
C ARG B 155 -4.39 0.24 31.28
N ASP B 156 -3.32 -0.08 30.53
CA ASP B 156 -2.01 -0.37 31.08
C ASP B 156 -1.04 0.77 30.88
N LYS B 157 -0.58 1.36 31.98
CA LYS B 157 0.35 2.49 31.93
C LYS B 157 1.77 2.04 31.61
N ARG B 158 2.15 0.82 32.01
CA ARG B 158 3.48 0.29 31.72
C ARG B 158 3.61 -0.14 30.25
N PHE B 159 2.53 -0.65 29.67
CA PHE B 159 2.49 -0.98 28.24
C PHE B 159 2.59 0.35 27.44
N GLN B 160 1.89 1.40 27.91
CA GLN B 160 1.90 2.73 27.34
C GLN B 160 3.29 3.32 27.42
N GLN B 161 3.99 3.15 28.57
CA GLN B 161 5.36 3.61 28.81
C GLN B 161 6.28 3.00 27.75
N PHE B 162 6.21 1.66 27.61
CA PHE B 162 7.00 0.86 26.69
C PHE B 162 6.80 1.34 25.27
N ILE B 163 5.53 1.55 24.85
CA ILE B 163 5.22 2.04 23.52
C ILE B 163 5.84 3.40 23.26
N ARG B 164 5.59 4.39 24.12
CA ARG B 164 6.18 5.73 23.93
C ARG B 164 7.71 5.68 23.81
N LYS B 165 8.32 4.76 24.57
CA LYS B 165 9.75 4.52 24.63
C LYS B 165 10.37 3.93 23.35
N VAL B 166 9.88 2.77 22.87
CA VAL B 166 10.46 2.13 21.68
C VAL B 166 10.04 2.79 20.35
N THR B 167 8.93 3.55 20.33
CA THR B 167 8.51 4.21 19.08
C THR B 167 9.02 5.68 18.96
N ARG B 168 9.81 6.16 19.94
CA ARG B 168 10.37 7.51 19.98
C ARG B 168 11.34 7.84 18.82
N PRO B 169 12.26 6.93 18.39
CA PRO B 169 13.13 7.25 17.23
C PRO B 169 12.38 7.75 15.98
N ALA B 170 12.99 8.65 15.19
CA ALA B 170 12.35 9.22 14.01
C ALA B 170 12.14 8.18 12.90
N VAL B 171 13.03 7.17 12.84
CA VAL B 171 12.94 6.09 11.88
C VAL B 171 11.66 5.27 12.05
N LEU B 172 11.06 5.27 13.26
CA LEU B 172 9.81 4.56 13.54
C LEU B 172 8.56 5.41 13.31
N LYS B 173 8.67 6.62 12.69
CA LYS B 173 7.52 7.52 12.49
C LYS B 173 6.26 6.84 11.90
N ARG B 174 6.42 6.07 10.82
CA ARG B 174 5.29 5.38 10.20
C ARG B 174 5.24 3.88 10.51
N HIS B 175 5.88 3.44 11.60
CA HIS B 175 5.97 2.03 11.92
C HIS B 175 5.48 1.64 13.31
N GLY B 176 4.44 2.32 13.82
CA GLY B 176 3.85 1.93 15.10
C GLY B 176 3.17 0.57 15.00
N VAL B 177 2.76 -0.04 16.14
CA VAL B 177 2.12 -1.37 16.13
C VAL B 177 0.97 -1.51 15.10
N GLN B 178 -0.06 -0.64 15.15
CA GLN B 178 -1.21 -0.72 14.24
C GLN B 178 -0.81 -0.47 12.79
N GLU B 179 0.15 0.42 12.56
CA GLU B 179 0.68 0.68 11.21
C GLU B 179 1.38 -0.55 10.65
N CYS B 180 2.25 -1.23 11.44
CA CYS B 180 2.95 -2.44 10.97
C CYS B 180 1.93 -3.51 10.54
N ILE B 181 0.85 -3.68 11.34
CA ILE B 181 -0.20 -4.64 11.06
C ILE B 181 -0.92 -4.37 9.72
N LEU B 182 -1.26 -3.09 9.44
CA LEU B 182 -1.92 -2.75 8.17
C LEU B 182 -0.92 -2.80 7.01
N LEU B 183 0.33 -2.42 7.24
CA LEU B 183 1.39 -2.54 6.23
C LEU B 183 1.53 -3.99 5.71
N VAL B 184 1.37 -4.98 6.63
CA VAL B 184 1.48 -6.42 6.34
C VAL B 184 0.26 -6.95 5.59
N THR B 185 -0.96 -6.52 6.01
CA THR B 185 -2.23 -6.88 5.36
C THR B 185 -2.26 -6.29 3.92
N GLN B 186 -1.78 -5.05 3.74
CA GLN B 186 -1.73 -4.43 2.44
C GLN B 186 -0.64 -4.99 1.50
N ARG B 187 0.43 -5.64 2.02
CA ARG B 187 1.50 -6.13 1.15
C ARG B 187 1.07 -7.06 0.01
N ILE B 188 0.24 -8.04 0.30
CA ILE B 188 -0.14 -9.04 -0.69
C ILE B 188 -0.86 -8.43 -1.88
N THR B 189 -1.73 -7.43 -1.65
CA THR B 189 -2.45 -6.79 -2.74
C THR B 189 -1.57 -5.85 -3.61
N LYS B 190 -0.28 -5.65 -3.25
CA LYS B 190 0.66 -4.83 -4.04
C LYS B 190 1.28 -5.63 -5.16
N TYR B 191 1.54 -6.93 -4.93
CA TYR B 191 2.21 -7.84 -5.90
C TYR B 191 1.61 -7.82 -7.28
N PRO B 192 0.26 -7.90 -7.47
CA PRO B 192 -0.27 -7.89 -8.84
C PRO B 192 0.04 -6.60 -9.57
N LEU B 193 -0.03 -5.45 -8.89
CA LEU B 193 0.25 -4.14 -9.47
CA LEU B 193 0.25 -4.15 -9.49
C LEU B 193 1.71 -4.06 -9.99
N LEU B 194 2.68 -4.47 -9.16
CA LEU B 194 4.08 -4.45 -9.54
C LEU B 194 4.35 -5.46 -10.67
N ILE B 195 3.88 -6.71 -10.52
CA ILE B 195 4.04 -7.74 -11.55
C ILE B 195 3.43 -7.31 -12.92
N SER B 196 2.23 -6.66 -12.95
CA SER B 196 1.58 -6.20 -14.17
CA SER B 196 1.59 -6.22 -14.19
CA SER B 196 1.57 -6.19 -14.17
C SER B 196 2.40 -5.13 -14.87
N ARG B 197 3.03 -4.22 -14.11
CA ARG B 197 3.86 -3.18 -14.70
C ARG B 197 5.22 -3.77 -15.14
N ILE B 198 5.72 -4.84 -14.47
CA ILE B 198 6.96 -5.51 -14.94
C ILE B 198 6.66 -6.20 -16.28
N LEU B 199 5.50 -6.89 -16.39
CA LEU B 199 5.09 -7.58 -17.60
C LEU B 199 4.86 -6.59 -18.76
N GLN B 200 4.40 -5.39 -18.46
CA GLN B 200 4.16 -4.36 -19.48
C GLN B 200 5.44 -4.02 -20.29
N HIS B 201 6.62 -4.21 -19.69
CA HIS B 201 7.89 -3.92 -20.37
C HIS B 201 8.78 -5.17 -20.51
N SER B 202 8.18 -6.36 -20.57
CA SER B 202 8.91 -7.61 -20.72
C SER B 202 8.44 -8.43 -21.94
N HIS B 203 8.11 -7.73 -23.03
CA HIS B 203 7.65 -8.39 -24.26
C HIS B 203 8.78 -8.72 -25.26
N GLY B 204 10.04 -8.46 -24.89
CA GLY B 204 11.20 -8.73 -25.73
C GLY B 204 11.54 -10.21 -25.83
N ILE B 205 11.34 -10.95 -24.73
CA ILE B 205 11.59 -12.39 -24.71
CA ILE B 205 11.59 -12.38 -24.71
C ILE B 205 10.26 -13.06 -24.40
N GLU B 206 9.76 -13.91 -25.32
CA GLU B 206 8.47 -14.58 -25.11
C GLU B 206 8.46 -15.55 -23.92
N GLU B 207 9.58 -16.26 -23.62
CA GLU B 207 9.64 -17.16 -22.45
C GLU B 207 9.36 -16.35 -21.17
N GLU B 208 9.97 -15.17 -21.07
CA GLU B 208 9.79 -14.23 -19.96
C GLU B 208 8.37 -13.60 -19.90
N ARG B 209 7.82 -13.16 -21.03
CA ARG B 209 6.46 -12.61 -21.06
C ARG B 209 5.43 -13.66 -20.58
N GLN B 210 5.68 -14.95 -20.91
CA GLN B 210 4.81 -16.04 -20.52
C GLN B 210 4.99 -16.37 -19.06
N ASP B 211 6.22 -16.34 -18.55
CA ASP B 211 6.50 -16.62 -17.14
C ASP B 211 5.81 -15.58 -16.26
N LEU B 212 5.92 -14.29 -16.63
CA LEU B 212 5.29 -13.20 -15.89
C LEU B 212 3.76 -13.23 -15.99
N THR B 213 3.23 -13.68 -17.14
CA THR B 213 1.79 -13.84 -17.31
C THR B 213 1.28 -14.95 -16.37
N THR B 214 2.02 -16.06 -16.26
CA THR B 214 1.67 -17.15 -15.35
C THR B 214 1.73 -16.63 -13.90
N ALA B 215 2.82 -15.93 -13.54
CA ALA B 215 3.01 -15.35 -12.20
C ALA B 215 1.88 -14.38 -11.84
N LEU B 216 1.39 -13.55 -12.80
CA LEU B 216 0.29 -12.63 -12.53
C LEU B 216 -0.98 -13.38 -12.17
N GLY B 217 -1.26 -14.45 -12.90
CA GLY B 217 -2.40 -15.30 -12.63
C GLY B 217 -2.29 -16.03 -11.30
N LEU B 218 -1.08 -16.44 -10.90
CA LEU B 218 -0.89 -17.15 -9.63
C LEU B 218 -1.12 -16.28 -8.40
N VAL B 219 -0.63 -15.03 -8.39
CA VAL B 219 -0.83 -14.09 -7.29
C VAL B 219 -2.32 -13.74 -7.16
N LYS B 220 -3.04 -13.56 -8.29
CA LYS B 220 -4.48 -13.24 -8.28
C LYS B 220 -5.29 -14.43 -7.76
N GLU B 221 -4.84 -15.68 -8.08
CA GLU B 221 -5.49 -16.90 -7.58
CA GLU B 221 -5.54 -16.85 -7.57
C GLU B 221 -5.30 -16.96 -6.07
N LEU B 222 -4.05 -16.65 -5.61
CA LEU B 222 -3.69 -16.66 -4.19
C LEU B 222 -4.54 -15.67 -3.44
N LEU B 223 -4.61 -14.43 -3.94
CA LEU B 223 -5.38 -13.34 -3.35
C LEU B 223 -6.82 -13.67 -3.22
N SER B 224 -7.41 -14.27 -4.25
CA SER B 224 -8.82 -14.65 -4.22
CA SER B 224 -8.82 -14.65 -4.21
C SER B 224 -9.06 -15.71 -3.14
N ASN B 225 -8.09 -16.63 -2.94
CA ASN B 225 -8.20 -17.69 -1.93
C ASN B 225 -8.02 -17.13 -0.51
N VAL B 226 -7.18 -16.10 -0.34
CA VAL B 226 -6.98 -15.46 0.97
C VAL B 226 -8.24 -14.64 1.33
N ASP B 227 -8.80 -13.95 0.34
CA ASP B 227 -10.01 -13.15 0.49
C ASP B 227 -11.21 -14.02 0.88
N GLU B 228 -11.30 -15.24 0.31
CA GLU B 228 -12.34 -16.21 0.61
C GLU B 228 -12.16 -16.85 2.00
N GLY B 229 -10.92 -16.97 2.45
CA GLY B 229 -10.56 -17.58 3.73
C GLY B 229 -10.71 -16.68 4.93
N ILE B 230 -10.87 -15.39 4.72
CA ILE B 230 -11.06 -14.45 5.80
C ILE B 230 -12.45 -14.57 6.44
N TYR B 231 -12.46 -14.71 7.76
CA TYR B 231 -13.61 -14.69 8.64
C TYR B 231 -13.06 -14.06 9.89
N GLN B 232 -13.39 -12.80 10.09
CA GLN B 232 -12.88 -11.98 11.17
C GLN B 232 -13.24 -12.45 12.55
N LEU B 233 -12.25 -12.48 13.42
CA LEU B 233 -12.40 -12.86 14.82
C LEU B 233 -12.69 -11.59 15.63
N GLU B 234 -13.45 -11.75 16.71
CA GLU B 234 -13.79 -10.65 17.60
C GLU B 234 -13.22 -10.89 19.00
N LYS B 235 -12.70 -9.84 19.64
CA LYS B 235 -12.14 -9.97 20.98
C LYS B 235 -13.29 -10.27 21.95
N GLY B 236 -13.33 -11.49 22.48
CA GLY B 236 -14.40 -11.90 23.39
C GLY B 236 -15.73 -12.09 22.70
N ALA B 237 -15.76 -12.94 21.67
CA ALA B 237 -17.00 -13.22 20.95
C ALA B 237 -17.67 -14.45 21.54
N ARG B 238 -18.99 -14.44 21.54
CA ARG B 238 -19.76 -15.55 22.05
C ARG B 238 -20.05 -16.57 20.97
N LEU B 239 -20.26 -17.81 21.40
CA LEU B 239 -20.55 -18.90 20.47
CA LEU B 239 -20.53 -18.90 20.48
C LEU B 239 -21.80 -18.64 19.64
N GLN B 240 -22.86 -18.08 20.28
CA GLN B 240 -24.11 -17.76 19.59
C GLN B 240 -23.86 -16.76 18.44
N GLU B 241 -22.99 -15.76 18.66
CA GLU B 241 -22.64 -14.74 17.67
C GLU B 241 -22.00 -15.37 16.42
N ILE B 242 -21.16 -16.38 16.64
CA ILE B 242 -20.47 -17.09 15.56
C ILE B 242 -21.41 -17.96 14.72
N TYR B 243 -22.21 -18.88 15.33
CA TYR B 243 -23.08 -19.75 14.53
C TYR B 243 -24.31 -19.05 13.94
N ASN B 244 -24.38 -17.72 14.01
CA ASN B 244 -25.47 -16.97 13.41
C ASN B 244 -24.91 -16.04 12.32
S DMS C . -14.42 23.26 -6.71
O DMS C . -15.85 23.30 -7.19
C1 DMS C . -13.89 24.90 -6.20
C2 DMS C . -13.44 23.14 -8.23
C FMT D . -22.93 23.31 -4.19
O1 FMT D . -22.60 24.18 -3.39
O2 FMT D . -22.90 23.43 -5.55
C FMT E . 1.88 4.74 -12.34
O1 FMT E . 1.41 3.88 -11.63
O2 FMT E . 2.91 5.54 -12.00
C FMT F . 6.81 9.79 7.80
O1 FMT F . 6.18 8.97 7.17
O2 FMT F . 7.77 10.54 7.24
C FMT G . -16.50 -0.94 -4.81
O1 FMT G . -16.17 -0.49 -5.89
O2 FMT G . -16.23 -2.21 -4.43
C FMT H . -12.97 -4.30 9.41
O1 FMT H . -13.06 -3.19 9.91
O2 FMT H . -13.99 -5.19 9.40
C01 ZG6 I . -6.29 -26.75 1.47
C02 ZG6 I . -6.53 -25.42 2.19
C03 ZG6 I . -6.31 -24.18 1.64
C04 ZG6 I . -6.64 -23.24 2.61
N05 ZG6 I . -6.57 -21.81 2.49
C06 ZG6 I . -5.71 -21.16 1.52
O07 ZG6 I . -5.03 -21.79 0.78
C08 ZG6 I . -5.73 -19.64 1.45
O10 ZG6 I . -7.04 -23.92 3.70
N11 ZG6 I . -6.94 -25.24 3.43
S DMS J . 27.47 -10.72 -15.67
O DMS J . 26.56 -11.51 -14.75
C1 DMS J . 26.42 -9.59 -16.60
C2 DMS J . 27.77 -11.74 -17.16
S DMS K . 12.20 -6.57 -22.05
O DMS K . 11.18 -6.50 -23.13
C1 DMS K . 13.10 -4.98 -22.05
C2 DMS K . 13.56 -7.57 -22.70
S DMS L . -3.47 5.18 31.33
O DMS L . -2.39 4.17 31.09
C1 DMS L . -2.71 6.66 32.07
C2 DMS L . -4.39 4.67 32.81
S DMS M . 18.17 5.08 -21.94
O DMS M . 19.32 5.79 -21.29
C1 DMS M . 18.39 5.28 -23.74
C2 DMS M . 16.72 6.18 -21.83
C FMT N . 16.34 -13.89 -21.42
O1 FMT N . 17.18 -14.55 -20.84
O2 FMT N . 15.68 -12.83 -20.88
C FMT O . -3.66 -6.80 -13.13
O1 FMT O . -3.30 -6.84 -14.32
O2 FMT O . -3.45 -5.73 -12.30
C FMT P . 0.18 -20.40 10.40
O1 FMT P . -0.70 -20.22 9.56
O2 FMT P . 0.62 -19.44 11.26
C FMT Q . 3.10 -23.34 -13.91
O1 FMT Q . 2.94 -23.39 -15.13
O2 FMT Q . 2.11 -23.40 -12.98
C FMT R . -11.51 -15.21 18.89
O1 FMT R . -10.79 -16.19 18.97
O2 FMT R . -11.37 -14.11 19.68
#